data_3LIJ
#
_entry.id   3LIJ
#
_cell.length_a   57.080
_cell.length_b   88.060
_cell.length_c   58.610
_cell.angle_alpha   90.00
_cell.angle_beta   118.07
_cell.angle_gamma   90.00
#
_symmetry.space_group_name_H-M   'P 1 21 1'
#
loop_
_entity.id
_entity.type
_entity.pdbx_description
1 polymer 'Calcium/calmodulin dependent protein kinase with a kinase domain and 4 calmodulin like EF hands'
2 non-polymer 'CALCIUM ION'
3 non-polymer 'MAGNESIUM ION'
4 non-polymer 'PHOSPHOAMINOPHOSPHONIC ACID-ADENYLATE ESTER'
5 water water
#
_entity_poly.entity_id   1
_entity_poly.type   'polypeptide(L)'
_entity_poly.pdbx_seq_one_letter_code
;MHHHHHHSSGRENLYFQGDLQATPGMFITSKKGHLSEMYQRVKKLGSGAYGEVLLCRDKVTHVERAIKIIRKTSVSTSSN
SKLLEEVAVLKLLDHPNIMKLYDFFEDKRNYYLVMECYKGGELFDEIIHRMKFNEVDAAVIIKQVLSGVTYLHKHNIVHR
DLKPENLLLESKEKDALIKIVDFGLSAVFENQKKMKERLGTAYYIAPEVLRKKYDEKCDVWSIGVILFILLAGYPPFGGQ
TDQEILRKVEKGKYTFDSPEWKNVSEGAKDLIKQMLQFDSQRRISAQQALEHPWIKEMCSKKESGIELPSLANAIENMRK
FQNSQKLAQAALLYMASKLTSQEETKELTDIFRHIDKNGDGQLDRQELIDGYSKLSGEEVAVFDLPQIESEVDAILGAAD
FDRNGYIDYSEFVTVAMDRKSLLSKDKLESAFQKFDQDGNGKISVDELASVFGLDHLESKTWKEMISGIDSNNDGDVDFE
EFCKMIQKLCSNNE
;
_entity_poly.pdbx_strand_id   A
#
loop_
_chem_comp.id
_chem_comp.type
_chem_comp.name
_chem_comp.formula
ANP non-polymer 'PHOSPHOAMINOPHOSPHONIC ACID-ADENYLATE ESTER' 'C10 H17 N6 O12 P3'
CA non-polymer 'CALCIUM ION' 'Ca 2'
MG non-polymer 'MAGNESIUM ION' 'Mg 2'
#
# COMPACT_ATOMS: atom_id res chain seq x y z
N TYR A 15 -10.00 -26.74 13.16
CA TYR A 15 -10.03 -25.30 13.21
C TYR A 15 -11.25 -24.76 13.89
N PHE A 16 -11.14 -23.63 14.53
CA PHE A 16 -12.29 -22.89 14.97
C PHE A 16 -12.35 -21.61 14.16
N GLN A 17 -13.43 -20.83 14.29
CA GLN A 17 -13.51 -19.54 13.61
C GLN A 17 -12.51 -18.51 14.13
N GLY A 18 -12.17 -18.59 15.43
CA GLY A 18 -11.20 -17.74 16.10
C GLY A 18 -9.76 -17.92 15.64
N ASP A 19 -9.50 -18.92 14.79
CA ASP A 19 -8.19 -19.22 14.21
C ASP A 19 -7.99 -18.55 12.85
N LEU A 20 -9.10 -18.26 12.12
CA LEU A 20 -9.04 -17.64 10.80
C LEU A 20 -8.58 -16.20 10.83
N GLN A 21 -7.86 -15.79 9.77
CA GLN A 21 -7.33 -14.43 9.63
C GLN A 21 -7.74 -13.79 8.30
N ALA A 22 -8.43 -12.64 8.36
CA ALA A 22 -8.77 -11.90 7.15
C ALA A 22 -7.58 -10.97 6.84
N THR A 23 -6.93 -11.15 5.67
CA THR A 23 -5.77 -10.35 5.23
C THR A 23 -5.99 -9.89 3.79
N PRO A 24 -5.48 -8.69 3.36
CA PRO A 24 -5.69 -8.29 1.94
C PRO A 24 -5.01 -9.22 0.92
N GLY A 25 -3.95 -9.88 1.34
CA GLY A 25 -3.19 -10.81 0.51
C GLY A 25 -3.89 -12.12 0.16
N MET A 26 -4.88 -12.53 1.00
CA MET A 26 -5.63 -13.78 0.75
C MET A 26 -6.51 -13.72 -0.50
N PHE A 27 -6.80 -12.50 -1.00
CA PHE A 27 -7.61 -12.28 -2.20
C PHE A 27 -6.79 -12.44 -3.48
N ILE A 28 -5.51 -12.69 -3.33
CA ILE A 28 -4.66 -12.89 -4.48
C ILE A 28 -4.05 -14.27 -4.41
N THR A 29 -4.36 -15.06 -5.41
CA THR A 29 -3.94 -16.47 -5.54
C THR A 29 -3.73 -16.75 -7.03
N SER A 30 -2.80 -17.66 -7.36
CA SER A 30 -2.54 -18.06 -8.74
C SER A 30 -3.75 -18.83 -9.26
N LYS A 31 -4.46 -18.22 -10.22
CA LYS A 31 -5.68 -18.79 -10.82
C LYS A 31 -5.62 -18.78 -12.34
N LYS A 32 -6.39 -19.69 -12.97
CA LYS A 32 -6.48 -19.79 -14.42
C LYS A 32 -7.54 -18.80 -14.90
N GLY A 33 -7.21 -18.03 -15.93
CA GLY A 33 -8.12 -17.03 -16.49
C GLY A 33 -7.72 -16.48 -17.84
N HIS A 34 -8.70 -15.90 -18.54
CA HIS A 34 -8.53 -15.29 -19.86
C HIS A 34 -8.78 -13.78 -19.72
N LEU A 35 -7.99 -12.96 -20.43
CA LEU A 35 -8.10 -11.49 -20.42
C LEU A 35 -9.48 -11.05 -20.92
N SER A 36 -9.90 -11.54 -22.11
CA SER A 36 -11.17 -11.22 -22.77
C SER A 36 -12.41 -11.68 -21.99
N GLU A 37 -12.27 -12.70 -21.12
CA GLU A 37 -13.33 -13.25 -20.28
C GLU A 37 -13.80 -12.24 -19.22
N MET A 38 -12.86 -11.44 -18.68
CA MET A 38 -13.17 -10.48 -17.62
C MET A 38 -12.85 -9.00 -17.90
N TYR A 39 -11.94 -8.71 -18.84
CA TYR A 39 -11.53 -7.33 -19.18
C TYR A 39 -11.60 -7.01 -20.67
N GLN A 40 -11.82 -5.73 -20.98
CA GLN A 40 -11.85 -5.20 -22.34
C GLN A 40 -10.64 -4.28 -22.51
N ARG A 41 -9.85 -4.49 -23.58
CA ARG A 41 -8.67 -3.70 -23.90
C ARG A 41 -9.08 -2.28 -24.32
N VAL A 42 -8.46 -1.27 -23.70
CA VAL A 42 -8.74 0.14 -24.00
C VAL A 42 -7.59 0.72 -24.82
N LYS A 43 -6.37 0.76 -24.24
CA LYS A 43 -5.15 1.27 -24.88
C LYS A 43 -3.87 0.75 -24.22
N LYS A 44 -2.76 0.76 -24.99
CA LYS A 44 -1.43 0.35 -24.55
C LYS A 44 -0.83 1.49 -23.73
N LEU A 45 -0.38 1.18 -22.50
CA LEU A 45 0.20 2.14 -21.56
C LEU A 45 1.73 2.06 -21.50
N GLY A 46 2.27 0.85 -21.73
CA GLY A 46 3.70 0.60 -21.69
C GLY A 46 4.17 -0.58 -22.52
N SER A 47 5.44 -0.53 -22.97
CA SER A 47 6.09 -1.54 -23.79
C SER A 47 7.23 -2.20 -23.02
N GLY A 51 6.62 -8.39 -21.42
CA GLY A 51 6.48 -7.09 -20.76
C GLY A 51 5.62 -6.12 -21.55
N GLU A 52 4.42 -5.81 -21.03
CA GLU A 52 3.45 -4.89 -21.65
C GLU A 52 2.42 -4.40 -20.61
N VAL A 53 2.27 -3.07 -20.48
CA VAL A 53 1.29 -2.46 -19.57
C VAL A 53 0.08 -2.04 -20.42
N LEU A 54 -1.10 -2.56 -20.07
CA LEU A 54 -2.32 -2.32 -20.81
C LEU A 54 -3.45 -1.78 -19.95
N LEU A 55 -4.10 -0.70 -20.42
CA LEU A 55 -5.25 -0.11 -19.73
C LEU A 55 -6.47 -0.94 -20.16
N CYS A 56 -7.14 -1.56 -19.18
CA CYS A 56 -8.28 -2.43 -19.41
C CYS A 56 -9.51 -2.03 -18.60
N ARG A 57 -10.71 -2.36 -19.11
CA ARG A 57 -11.98 -2.05 -18.46
C ARG A 57 -12.67 -3.34 -18.00
N ASP A 58 -13.00 -3.42 -16.69
CA ASP A 58 -13.71 -4.56 -16.10
C ASP A 58 -15.08 -4.67 -16.78
N LYS A 59 -15.36 -5.82 -17.40
CA LYS A 59 -16.61 -6.05 -18.14
C LYS A 59 -17.89 -6.05 -17.31
N VAL A 60 -17.79 -6.17 -15.97
CA VAL A 60 -18.95 -6.17 -15.07
C VAL A 60 -19.14 -4.80 -14.38
N THR A 61 -18.11 -4.31 -13.68
CA THR A 61 -18.14 -3.05 -12.93
C THR A 61 -17.74 -1.78 -13.72
N HIS A 62 -17.11 -1.97 -14.90
CA HIS A 62 -16.63 -0.89 -15.79
C HIS A 62 -15.45 -0.09 -15.22
N VAL A 63 -14.88 -0.55 -14.10
CA VAL A 63 -13.72 0.04 -13.44
C VAL A 63 -12.51 -0.22 -14.34
N GLU A 64 -11.72 0.83 -14.63
CA GLU A 64 -10.52 0.68 -15.45
C GLU A 64 -9.29 0.38 -14.59
N ARG A 65 -8.51 -0.63 -15.01
CA ARG A 65 -7.33 -1.08 -14.27
C ARG A 65 -6.11 -1.22 -15.18
N ALA A 66 -4.90 -1.13 -14.60
CA ALA A 66 -3.64 -1.27 -15.34
C ALA A 66 -3.20 -2.72 -15.23
N ILE A 67 -3.10 -3.41 -16.38
CA ILE A 67 -2.73 -4.82 -16.41
C ILE A 67 -1.34 -5.00 -17.00
N LYS A 68 -0.41 -5.55 -16.20
CA LYS A 68 0.96 -5.82 -16.63
C LYS A 68 1.00 -7.27 -17.12
N ILE A 69 1.18 -7.44 -18.43
CA ILE A 69 1.22 -8.74 -19.10
C ILE A 69 2.68 -9.18 -19.25
N ILE A 70 3.07 -10.23 -18.49
CA ILE A 70 4.43 -10.76 -18.52
C ILE A 70 4.41 -12.19 -19.07
N ARG A 71 5.07 -12.39 -20.22
CA ARG A 71 5.16 -13.68 -20.91
C ARG A 71 5.96 -14.74 -20.14
N LYS A 72 5.54 -16.02 -20.28
CA LYS A 72 6.18 -17.16 -19.62
C LYS A 72 7.49 -17.57 -20.32
N SER A 78 12.81 -23.34 -12.00
CA SER A 78 11.84 -22.59 -12.80
C SER A 78 12.30 -21.15 -13.05
N SER A 79 12.20 -20.70 -14.32
CA SER A 79 12.58 -19.35 -14.75
C SER A 79 11.50 -18.31 -14.40
N ASN A 80 10.26 -18.77 -14.15
CA ASN A 80 9.10 -17.93 -13.79
C ASN A 80 8.97 -17.72 -12.27
N SER A 81 9.96 -18.23 -11.49
CA SER A 81 10.01 -18.13 -10.03
C SER A 81 10.18 -16.69 -9.54
N LYS A 82 10.89 -15.85 -10.33
CA LYS A 82 11.14 -14.44 -10.03
C LYS A 82 9.85 -13.62 -9.97
N LEU A 83 8.90 -13.92 -10.90
CA LEU A 83 7.60 -13.26 -10.96
C LEU A 83 6.73 -13.66 -9.77
N LEU A 84 6.67 -14.97 -9.46
CA LEU A 84 5.87 -15.51 -8.35
C LEU A 84 6.30 -14.92 -7.01
N GLU A 85 7.63 -14.73 -6.82
CA GLU A 85 8.20 -14.10 -5.62
C GLU A 85 7.79 -12.63 -5.57
N GLU A 86 7.73 -11.95 -6.74
CA GLU A 86 7.29 -10.56 -6.87
C GLU A 86 5.80 -10.43 -6.52
N VAL A 87 4.95 -11.37 -7.01
CA VAL A 87 3.51 -11.42 -6.72
C VAL A 87 3.31 -11.65 -5.20
N ALA A 88 4.13 -12.54 -4.60
CA ALA A 88 4.11 -12.84 -3.17
C ALA A 88 4.39 -11.59 -2.34
N VAL A 89 5.23 -10.66 -2.87
CA VAL A 89 5.54 -9.37 -2.24
C VAL A 89 4.38 -8.40 -2.49
N LEU A 90 3.96 -8.25 -3.77
CA LEU A 90 2.87 -7.37 -4.21
C LEU A 90 1.56 -7.54 -3.47
N LYS A 91 1.16 -8.80 -3.17
CA LYS A 91 -0.11 -9.08 -2.47
C LYS A 91 -0.14 -8.55 -1.03
N LEU A 92 1.04 -8.49 -0.38
CA LEU A 92 1.21 -8.03 1.00
C LEU A 92 1.10 -6.50 1.12
N LEU A 93 1.50 -5.76 0.06
CA LEU A 93 1.55 -4.29 -0.01
C LEU A 93 0.24 -3.60 0.33
N ASP A 94 0.20 -2.95 1.51
CA ASP A 94 -1.00 -2.31 2.01
C ASP A 94 -0.64 -1.01 2.73
N HIS A 95 -0.45 0.05 1.93
CA HIS A 95 -0.02 1.35 2.42
C HIS A 95 -0.54 2.45 1.50
N PRO A 96 -0.99 3.60 2.09
CA PRO A 96 -1.48 4.71 1.24
C PRO A 96 -0.52 5.18 0.15
N ASN A 97 0.81 4.97 0.34
CA ASN A 97 1.83 5.41 -0.63
C ASN A 97 2.46 4.32 -1.49
N ILE A 98 1.85 3.14 -1.49
CA ILE A 98 2.34 2.02 -2.28
C ILE A 98 1.24 1.48 -3.15
N MET A 99 1.61 1.04 -4.37
CA MET A 99 0.71 0.45 -5.35
C MET A 99 -0.10 -0.69 -4.77
N LYS A 100 -1.29 -0.89 -5.34
CA LYS A 100 -2.23 -1.91 -4.92
C LYS A 100 -2.41 -2.90 -6.06
N LEU A 101 -2.39 -4.20 -5.73
CA LEU A 101 -2.64 -5.26 -6.71
C LEU A 101 -4.09 -5.69 -6.52
N TYR A 102 -4.93 -5.53 -7.55
CA TYR A 102 -6.35 -5.90 -7.50
C TYR A 102 -6.55 -7.41 -7.66
N ASP A 103 -5.91 -8.01 -8.68
CA ASP A 103 -6.06 -9.44 -8.97
C ASP A 103 -4.82 -9.99 -9.68
N PHE A 104 -4.72 -11.32 -9.73
CA PHE A 104 -3.65 -12.06 -10.39
C PHE A 104 -4.22 -13.33 -11.02
N PHE A 105 -3.95 -13.51 -12.32
CA PHE A 105 -4.38 -14.68 -13.09
C PHE A 105 -3.37 -15.03 -14.18
N GLU A 106 -3.45 -16.24 -14.73
CA GLU A 106 -2.51 -16.69 -15.74
C GLU A 106 -3.13 -17.49 -16.88
N ASP A 107 -2.47 -17.46 -18.05
CA ASP A 107 -2.85 -18.17 -19.26
C ASP A 107 -1.76 -19.18 -19.58
N LYS A 108 -1.89 -19.88 -20.72
CA LYS A 108 -0.91 -20.86 -21.19
C LYS A 108 0.39 -20.19 -21.68
N ARG A 109 0.36 -18.85 -21.90
CA ARG A 109 1.51 -18.10 -22.40
C ARG A 109 1.92 -16.88 -21.54
N ASN A 110 0.96 -16.21 -20.87
CA ASN A 110 1.26 -15.01 -20.08
C ASN A 110 0.77 -15.01 -18.63
N TYR A 111 1.37 -14.14 -17.81
CA TYR A 111 1.00 -13.87 -16.42
C TYR A 111 0.32 -12.51 -16.42
N TYR A 112 -0.79 -12.37 -15.67
CA TYR A 112 -1.55 -11.12 -15.65
C TYR A 112 -1.65 -10.47 -14.27
N LEU A 113 -0.95 -9.34 -14.11
CA LEU A 113 -0.91 -8.58 -12.87
C LEU A 113 -1.89 -7.42 -12.98
N VAL A 114 -3.06 -7.58 -12.34
CA VAL A 114 -4.12 -6.57 -12.38
C VAL A 114 -3.88 -5.57 -11.25
N MET A 115 -3.48 -4.35 -11.62
CA MET A 115 -3.13 -3.29 -10.69
C MET A 115 -4.12 -2.15 -10.70
N GLU A 116 -4.26 -1.47 -9.53
CA GLU A 116 -5.10 -0.28 -9.36
C GLU A 116 -4.46 0.77 -10.25
N CYS A 117 -5.28 1.44 -11.08
CA CYS A 117 -4.82 2.43 -12.04
C CYS A 117 -4.61 3.81 -11.41
N TYR A 118 -3.44 4.43 -11.63
CA TYR A 118 -3.10 5.76 -11.13
C TYR A 118 -2.95 6.70 -12.33
N LYS A 119 -3.80 7.73 -12.41
CA LYS A 119 -3.86 8.64 -13.57
C LYS A 119 -3.17 10.02 -13.49
N GLY A 120 -2.39 10.27 -12.44
CA GLY A 120 -1.70 11.54 -12.27
C GLY A 120 -0.34 11.66 -12.93
N GLY A 121 0.09 10.60 -13.63
CA GLY A 121 1.40 10.55 -14.28
C GLY A 121 2.52 10.20 -13.30
N GLU A 122 3.77 10.14 -13.80
CA GLU A 122 4.93 9.84 -12.98
C GLU A 122 5.39 11.14 -12.32
N LEU A 123 6.17 11.05 -11.23
CA LEU A 123 6.76 12.24 -10.62
C LEU A 123 7.78 12.82 -11.62
N PHE A 124 8.37 11.96 -12.47
CA PHE A 124 9.31 12.35 -13.53
C PHE A 124 8.69 13.41 -14.44
N ASP A 125 7.42 13.17 -14.84
CA ASP A 125 6.65 14.10 -15.70
C ASP A 125 6.53 15.46 -15.02
N GLU A 126 6.19 15.48 -13.71
CA GLU A 126 6.05 16.72 -12.95
C GLU A 126 7.38 17.45 -12.87
N ILE A 127 8.50 16.71 -12.72
CA ILE A 127 9.84 17.32 -12.69
C ILE A 127 10.15 17.99 -14.03
N ILE A 128 9.80 17.34 -15.15
CA ILE A 128 10.03 17.93 -16.49
C ILE A 128 9.18 19.20 -16.70
N HIS A 129 7.92 19.18 -16.26
CA HIS A 129 7.00 20.32 -16.41
C HIS A 129 7.28 21.47 -15.44
N ARG A 130 7.51 21.18 -14.13
CA ARG A 130 7.76 22.19 -13.09
C ARG A 130 9.20 22.68 -13.07
N MET A 131 10.15 21.77 -13.40
CA MET A 131 11.62 21.96 -13.43
C MET A 131 12.33 22.04 -12.09
N LYS A 132 11.62 22.50 -11.03
CA LYS A 132 12.12 22.56 -9.65
C LYS A 132 10.94 22.77 -8.70
N PHE A 133 11.06 22.26 -7.48
CA PHE A 133 10.02 22.32 -6.48
C PHE A 133 10.43 23.21 -5.33
N ASN A 134 9.46 23.93 -4.73
CA ASN A 134 9.77 24.75 -3.55
C ASN A 134 10.00 23.79 -2.38
N GLU A 135 10.52 24.27 -1.25
CA GLU A 135 10.82 23.41 -0.11
C GLU A 135 9.64 22.66 0.49
N VAL A 136 8.47 23.32 0.59
CA VAL A 136 7.24 22.72 1.13
C VAL A 136 6.76 21.59 0.21
N ASP A 137 6.68 21.84 -1.12
CA ASP A 137 6.25 20.86 -2.11
C ASP A 137 7.15 19.62 -2.16
N ALA A 138 8.48 19.84 -2.11
CA ALA A 138 9.50 18.79 -2.10
C ALA A 138 9.39 17.94 -0.84
N ALA A 139 9.16 18.57 0.33
CA ALA A 139 9.02 17.87 1.61
C ALA A 139 7.78 17.00 1.65
N VAL A 140 6.64 17.50 1.12
CA VAL A 140 5.36 16.79 1.06
C VAL A 140 5.50 15.51 0.24
N ILE A 141 6.19 15.60 -0.91
CA ILE A 141 6.44 14.46 -1.81
C ILE A 141 7.38 13.48 -1.16
N ILE A 142 8.55 13.96 -0.71
CA ILE A 142 9.56 13.12 -0.10
C ILE A 142 9.11 12.39 1.18
N LYS A 143 8.25 13.02 2.02
CA LYS A 143 7.73 12.36 3.22
C LYS A 143 6.91 11.12 2.85
N GLN A 144 6.14 11.19 1.73
CA GLN A 144 5.32 10.10 1.20
C GLN A 144 6.17 8.94 0.70
N VAL A 145 7.26 9.27 -0.05
CA VAL A 145 8.21 8.26 -0.54
C VAL A 145 8.85 7.58 0.70
N LEU A 146 9.27 8.38 1.70
CA LEU A 146 9.85 7.86 2.95
C LEU A 146 8.87 6.99 3.75
N SER A 147 7.58 7.35 3.76
CA SER A 147 6.54 6.59 4.46
C SER A 147 6.38 5.21 3.85
N GLY A 148 6.29 5.18 2.52
CA GLY A 148 6.20 3.96 1.73
C GLY A 148 7.40 3.07 1.97
N VAL A 149 8.60 3.66 1.91
CA VAL A 149 9.88 2.96 2.10
C VAL A 149 10.08 2.46 3.54
N THR A 150 9.64 3.24 4.56
CA THR A 150 9.67 2.84 5.97
C THR A 150 8.85 1.54 6.15
N TYR A 151 7.66 1.49 5.54
CA TYR A 151 6.77 0.33 5.58
C TYR A 151 7.45 -0.85 4.90
N LEU A 152 8.02 -0.66 3.69
CA LEU A 152 8.70 -1.74 2.97
C LEU A 152 9.82 -2.37 3.78
N HIS A 153 10.71 -1.51 4.31
CA HIS A 153 11.87 -1.95 5.09
C HIS A 153 11.48 -2.70 6.36
N LYS A 154 10.41 -2.26 7.04
CA LYS A 154 9.88 -2.90 8.25
C LYS A 154 9.31 -4.29 7.93
N HIS A 155 8.91 -4.52 6.66
CA HIS A 155 8.39 -5.80 6.17
C HIS A 155 9.48 -6.57 5.40
N ASN A 156 10.76 -6.19 5.62
CA ASN A 156 11.95 -6.79 5.02
C ASN A 156 11.99 -6.76 3.49
N ILE A 157 11.39 -5.71 2.89
CA ILE A 157 11.39 -5.50 1.45
C ILE A 157 12.24 -4.29 1.09
N VAL A 158 13.12 -4.47 0.08
CA VAL A 158 13.95 -3.41 -0.47
C VAL A 158 13.47 -3.20 -1.91
N HIS A 159 13.23 -1.95 -2.31
CA HIS A 159 12.73 -1.62 -3.66
C HIS A 159 13.82 -1.76 -4.72
N ARG A 160 15.00 -1.14 -4.48
CA ARG A 160 16.20 -1.14 -5.36
C ARG A 160 16.13 -0.34 -6.66
N ASP A 161 14.95 0.24 -6.99
CA ASP A 161 14.82 1.08 -8.17
C ASP A 161 13.95 2.32 -7.95
N LEU A 162 14.18 3.01 -6.81
CA LEU A 162 13.44 4.23 -6.52
C LEU A 162 14.02 5.36 -7.37
N LYS A 163 13.13 6.02 -8.11
CA LYS A 163 13.40 7.10 -9.02
C LYS A 163 12.05 7.75 -9.40
N PRO A 164 12.05 9.00 -9.91
CA PRO A 164 10.77 9.66 -10.24
C PRO A 164 9.86 8.94 -11.24
N GLU A 165 10.42 8.10 -12.13
CA GLU A 165 9.66 7.32 -13.11
C GLU A 165 8.81 6.24 -12.40
N ASN A 166 9.29 5.74 -11.24
CA ASN A 166 8.63 4.71 -10.44
C ASN A 166 7.82 5.27 -9.28
N LEU A 167 7.46 6.54 -9.36
CA LEU A 167 6.59 7.19 -8.37
C LEU A 167 5.44 7.82 -9.14
N LEU A 168 4.24 7.26 -9.00
CA LEU A 168 3.06 7.75 -9.72
C LEU A 168 2.19 8.64 -8.88
N LEU A 169 1.49 9.58 -9.51
CA LEU A 169 0.54 10.39 -8.77
C LEU A 169 -0.80 9.72 -8.94
N GLU A 170 -1.53 9.60 -7.82
N GLU A 170 -1.55 9.55 -7.82
CA GLU A 170 -2.86 9.01 -7.64
CA GLU A 170 -2.86 8.88 -7.83
C GLU A 170 -3.87 9.53 -8.67
C GLU A 170 -3.85 9.54 -8.81
N SER A 171 -4.00 10.86 -8.72
CA SER A 171 -4.91 11.63 -9.56
C SER A 171 -4.21 12.87 -10.08
N LYS A 172 -4.92 13.66 -10.90
CA LYS A 172 -4.46 14.93 -11.42
C LYS A 172 -4.82 16.06 -10.45
N GLU A 173 -5.52 15.72 -9.33
CA GLU A 173 -5.94 16.64 -8.27
C GLU A 173 -4.73 17.17 -7.49
N LYS A 174 -4.87 18.39 -6.91
CA LYS A 174 -3.85 19.13 -6.16
C LYS A 174 -3.07 18.32 -5.10
N ASP A 175 -3.77 17.69 -4.15
CA ASP A 175 -3.11 16.94 -3.06
C ASP A 175 -2.97 15.42 -3.32
N ALA A 176 -3.10 14.98 -4.61
CA ALA A 176 -3.01 13.57 -5.00
C ALA A 176 -1.78 12.88 -4.40
N LEU A 177 -2.00 11.71 -3.79
CA LEU A 177 -0.97 10.93 -3.12
C LEU A 177 0.03 10.30 -4.07
N ILE A 178 1.28 10.17 -3.60
CA ILE A 178 2.37 9.52 -4.34
C ILE A 178 2.20 8.02 -4.15
N LYS A 179 2.42 7.25 -5.23
CA LYS A 179 2.32 5.79 -5.18
C LYS A 179 3.62 5.18 -5.69
N ILE A 180 4.28 4.36 -4.85
CA ILE A 180 5.49 3.65 -5.25
C ILE A 180 5.05 2.48 -6.12
N VAL A 181 5.62 2.38 -7.32
CA VAL A 181 5.28 1.35 -8.29
C VAL A 181 6.55 0.61 -8.75
N ASP A 182 6.41 -0.41 -9.62
CA ASP A 182 7.50 -1.21 -10.20
C ASP A 182 8.35 -1.93 -9.17
N PHE A 183 7.89 -3.11 -8.77
CA PHE A 183 8.59 -3.95 -7.80
C PHE A 183 9.36 -5.08 -8.49
N GLY A 184 9.63 -4.88 -9.78
CA GLY A 184 10.37 -5.82 -10.63
C GLY A 184 11.78 -6.12 -10.17
N LEU A 185 12.46 -5.13 -9.55
CA LEU A 185 13.82 -5.29 -9.03
C LEU A 185 13.84 -5.44 -7.50
N SER A 186 12.66 -5.51 -6.86
CA SER A 186 12.54 -5.63 -5.41
C SER A 186 13.13 -6.94 -4.88
N ALA A 187 13.34 -7.01 -3.57
CA ALA A 187 13.88 -8.22 -2.94
C ALA A 187 13.46 -8.28 -1.49
N VAL A 188 13.40 -9.50 -0.95
CA VAL A 188 13.17 -9.73 0.46
C VAL A 188 14.60 -9.82 1.03
N PHE A 189 14.96 -8.92 1.94
CA PHE A 189 16.30 -8.94 2.51
C PHE A 189 16.30 -9.60 3.88
N GLU A 190 17.48 -10.03 4.34
CA GLU A 190 17.69 -10.66 5.63
C GLU A 190 18.62 -9.78 6.45
N ASN A 191 18.33 -9.62 7.75
CA ASN A 191 19.12 -8.78 8.67
C ASN A 191 20.57 -9.25 8.86
N GLN A 192 20.85 -10.54 8.61
CA GLN A 192 22.18 -11.14 8.79
C GLN A 192 23.02 -11.29 7.52
N LYS A 193 22.43 -11.04 6.35
CA LYS A 193 23.10 -11.22 5.06
C LYS A 193 23.02 -9.98 4.19
N LYS A 194 24.13 -9.61 3.53
CA LYS A 194 24.19 -8.48 2.61
C LYS A 194 23.77 -8.96 1.21
N MET A 195 23.15 -8.07 0.42
CA MET A 195 22.74 -8.38 -0.94
C MET A 195 23.90 -8.13 -1.89
N LYS A 196 23.95 -8.86 -3.02
CA LYS A 196 25.07 -8.76 -3.96
C LYS A 196 24.75 -8.31 -5.38
N GLU A 197 23.49 -8.45 -5.82
CA GLU A 197 23.06 -8.10 -7.19
C GLU A 197 23.11 -6.59 -7.48
N ARG A 198 23.93 -6.20 -8.48
CA ARG A 198 24.10 -4.81 -8.90
C ARG A 198 22.92 -4.40 -9.79
N LEU A 199 21.90 -3.78 -9.17
CA LEU A 199 20.67 -3.37 -9.86
C LEU A 199 20.26 -1.94 -9.53
N GLY A 200 19.61 -1.29 -10.49
CA GLY A 200 19.12 0.07 -10.31
C GLY A 200 19.25 0.95 -11.53
N THR A 201 19.33 2.26 -11.28
CA THR A 201 19.44 3.30 -12.32
C THR A 201 20.63 4.19 -11.99
N ALA A 202 21.48 4.45 -13.01
CA ALA A 202 22.71 5.25 -12.96
C ALA A 202 22.71 6.45 -12.01
N TYR A 203 21.74 7.38 -12.14
CA TYR A 203 21.69 8.57 -11.28
C TYR A 203 21.41 8.26 -9.81
N TYR A 204 20.57 7.24 -9.56
CA TYR A 204 20.03 6.89 -8.25
C TYR A 204 20.70 5.79 -7.44
N ILE A 205 21.50 4.93 -8.09
CA ILE A 205 22.18 3.80 -7.48
C ILE A 205 23.16 4.18 -6.34
N ALA A 206 23.11 3.43 -5.22
CA ALA A 206 24.00 3.65 -4.08
C ALA A 206 25.39 3.11 -4.40
N PRO A 207 26.49 3.75 -3.95
CA PRO A 207 27.84 3.25 -4.28
C PRO A 207 28.10 1.83 -3.79
N GLU A 208 27.49 1.44 -2.65
CA GLU A 208 27.67 0.07 -2.14
C GLU A 208 26.98 -0.99 -3.01
N VAL A 209 25.96 -0.59 -3.81
CA VAL A 209 25.30 -1.49 -4.78
C VAL A 209 26.31 -1.75 -5.92
N LEU A 210 27.05 -0.71 -6.34
CA LEU A 210 28.09 -0.78 -7.36
C LEU A 210 29.25 -1.69 -6.89
N ARG A 211 29.48 -1.75 -5.55
CA ARG A 211 30.52 -2.58 -4.92
C ARG A 211 30.04 -4.02 -4.63
N LYS A 212 28.76 -4.33 -4.98
CA LYS A 212 28.11 -5.65 -4.83
C LYS A 212 28.05 -6.16 -3.37
N LYS A 213 27.79 -5.26 -2.40
CA LYS A 213 27.73 -5.59 -0.98
C LYS A 213 26.93 -4.48 -0.29
N TYR A 214 25.63 -4.71 -0.11
CA TYR A 214 24.73 -3.69 0.44
C TYR A 214 23.54 -4.23 1.23
N ASP A 215 22.81 -3.31 1.88
CA ASP A 215 21.58 -3.61 2.62
C ASP A 215 20.48 -2.63 2.14
N GLU A 216 19.38 -2.52 2.91
CA GLU A 216 18.24 -1.68 2.55
C GLU A 216 18.51 -0.15 2.55
N LYS A 217 19.67 0.28 3.10
CA LYS A 217 20.07 1.69 3.11
C LYS A 217 20.29 2.23 1.69
N CYS A 218 20.48 1.33 0.70
CA CYS A 218 20.64 1.65 -0.72
C CYS A 218 19.42 2.45 -1.25
N ASP A 219 18.21 2.17 -0.69
CA ASP A 219 16.96 2.85 -1.00
C ASP A 219 16.97 4.28 -0.45
N VAL A 220 17.58 4.50 0.75
CA VAL A 220 17.68 5.84 1.34
C VAL A 220 18.54 6.75 0.44
N TRP A 221 19.65 6.20 -0.08
CA TRP A 221 20.53 6.92 -1.03
C TRP A 221 19.70 7.38 -2.23
N SER A 222 18.91 6.46 -2.83
CA SER A 222 18.06 6.74 -3.99
C SER A 222 17.09 7.90 -3.73
N ILE A 223 16.50 7.96 -2.52
CA ILE A 223 15.57 9.03 -2.13
C ILE A 223 16.31 10.37 -1.99
N GLY A 224 17.52 10.33 -1.46
CA GLY A 224 18.39 11.49 -1.31
C GLY A 224 18.69 12.14 -2.65
N VAL A 225 18.98 11.31 -3.67
CA VAL A 225 19.21 11.74 -5.05
C VAL A 225 17.91 12.39 -5.58
N ILE A 226 16.74 11.75 -5.32
CA ILE A 226 15.43 12.29 -5.74
C ILE A 226 15.18 13.66 -5.11
N LEU A 227 15.41 13.81 -3.78
CA LEU A 227 15.19 15.08 -3.08
C LEU A 227 16.12 16.18 -3.63
N PHE A 228 17.40 15.82 -3.91
CA PHE A 228 18.36 16.76 -4.49
C PHE A 228 17.78 17.32 -5.82
N ILE A 229 17.26 16.42 -6.69
CA ILE A 229 16.65 16.76 -7.98
C ILE A 229 15.43 17.65 -7.82
N LEU A 230 14.56 17.35 -6.84
CA LEU A 230 13.35 18.15 -6.59
C LEU A 230 13.70 19.62 -6.33
N LEU A 231 14.66 19.87 -5.43
CA LEU A 231 15.09 21.21 -5.04
C LEU A 231 15.95 21.95 -6.06
N ALA A 232 16.86 21.23 -6.72
CA ALA A 232 17.81 21.83 -7.67
C ALA A 232 17.43 21.78 -9.13
N GLY A 233 16.75 20.71 -9.55
CA GLY A 233 16.34 20.55 -10.94
C GLY A 233 17.36 19.82 -11.80
N TYR A 234 18.44 19.34 -11.18
CA TYR A 234 19.52 18.60 -11.85
C TYR A 234 20.04 17.51 -10.89
N PRO A 235 20.67 16.41 -11.39
CA PRO A 235 21.11 15.36 -10.46
C PRO A 235 22.45 15.64 -9.74
N PRO A 236 22.70 15.06 -8.55
CA PRO A 236 23.97 15.30 -7.86
C PRO A 236 25.19 14.64 -8.51
N PHE A 237 24.97 13.57 -9.27
CA PHE A 237 26.04 12.85 -9.98
C PHE A 237 25.58 12.78 -11.42
N GLY A 238 26.17 13.63 -12.26
CA GLY A 238 25.82 13.75 -13.67
C GLY A 238 26.88 13.22 -14.63
N GLY A 239 26.64 13.47 -15.92
CA GLY A 239 27.52 13.05 -17.00
C GLY A 239 26.77 12.75 -18.29
N GLN A 240 27.49 12.79 -19.42
CA GLN A 240 26.92 12.53 -20.74
C GLN A 240 26.64 11.04 -20.98
N THR A 241 27.39 10.16 -20.29
CA THR A 241 27.27 8.70 -20.42
C THR A 241 27.10 8.05 -19.03
N ASP A 242 26.61 6.80 -19.00
CA ASP A 242 26.42 6.02 -17.77
C ASP A 242 27.77 5.80 -17.08
N GLN A 243 28.85 5.64 -17.88
CA GLN A 243 30.24 5.49 -17.44
C GLN A 243 30.66 6.69 -16.58
N GLU A 244 30.35 7.92 -17.04
CA GLU A 244 30.64 9.18 -16.35
C GLU A 244 29.87 9.28 -15.03
N ILE A 245 28.55 9.00 -15.06
CA ILE A 245 27.67 9.04 -13.89
C ILE A 245 28.15 8.07 -12.81
N LEU A 246 28.37 6.78 -13.17
CA LEU A 246 28.81 5.72 -12.26
C LEU A 246 30.16 5.98 -11.60
N ARG A 247 31.11 6.62 -12.33
CA ARG A 247 32.41 6.95 -11.76
C ARG A 247 32.28 8.06 -10.71
N LYS A 248 31.29 8.96 -10.90
CA LYS A 248 30.99 10.02 -9.93
C LYS A 248 30.30 9.40 -8.72
N VAL A 249 29.40 8.42 -8.94
CA VAL A 249 28.68 7.71 -7.88
C VAL A 249 29.69 6.94 -7.00
N GLU A 250 30.64 6.19 -7.62
CA GLU A 250 31.69 5.42 -6.93
C GLU A 250 32.47 6.28 -5.92
N LYS A 251 32.81 7.52 -6.31
CA LYS A 251 33.55 8.48 -5.47
C LYS A 251 32.68 9.03 -4.35
N GLY A 252 31.38 9.17 -4.62
CA GLY A 252 30.39 9.66 -3.67
C GLY A 252 30.44 11.15 -3.39
N LYS A 253 31.21 11.89 -4.20
CA LYS A 253 31.41 13.33 -4.06
C LYS A 253 30.39 14.11 -4.88
N TYR A 254 29.73 15.06 -4.22
CA TYR A 254 28.72 15.93 -4.81
C TYR A 254 28.84 17.31 -4.12
N THR A 255 28.12 18.32 -4.61
CA THR A 255 28.17 19.66 -4.03
C THR A 255 26.86 20.45 -4.10
N PHE A 256 26.66 21.37 -3.13
CA PHE A 256 25.56 22.33 -3.10
C PHE A 256 26.14 23.70 -3.59
N ASP A 257 27.38 23.71 -4.08
CA ASP A 257 28.02 24.94 -4.56
C ASP A 257 27.64 25.25 -5.99
N SER A 258 26.38 25.65 -6.17
CA SER A 258 25.76 26.02 -7.45
C SER A 258 24.68 27.07 -7.14
N PRO A 259 24.38 28.04 -8.05
CA PRO A 259 23.37 29.08 -7.73
C PRO A 259 21.96 28.57 -7.42
N GLU A 260 21.60 27.38 -7.89
CA GLU A 260 20.29 26.77 -7.64
C GLU A 260 20.07 26.49 -6.14
N TRP A 261 21.18 26.43 -5.35
CA TRP A 261 21.19 26.13 -3.91
C TRP A 261 21.28 27.34 -2.96
N LYS A 262 21.55 28.55 -3.50
CA LYS A 262 21.72 29.80 -2.76
C LYS A 262 20.66 30.08 -1.68
N ASN A 263 19.37 29.91 -2.01
CA ASN A 263 18.24 30.18 -1.12
C ASN A 263 17.67 28.95 -0.40
N VAL A 264 18.25 27.76 -0.65
CA VAL A 264 17.80 26.51 -0.02
C VAL A 264 18.25 26.50 1.44
N SER A 265 17.33 26.17 2.36
CA SER A 265 17.60 26.18 3.80
C SER A 265 18.65 25.15 4.23
N GLU A 266 19.28 25.41 5.38
CA GLU A 266 20.28 24.51 5.97
C GLU A 266 19.68 23.14 6.29
N GLY A 267 18.41 23.12 6.70
CA GLY A 267 17.64 21.93 7.05
C GLY A 267 17.44 20.96 5.90
N ALA A 268 17.18 21.51 4.68
CA ALA A 268 16.99 20.68 3.49
C ALA A 268 18.32 20.04 3.09
N LYS A 269 19.42 20.82 3.15
CA LYS A 269 20.78 20.37 2.82
C LYS A 269 21.24 19.34 3.85
N ASP A 270 20.85 19.53 5.12
CA ASP A 270 21.21 18.60 6.19
C ASP A 270 20.58 17.23 5.92
N LEU A 271 19.28 17.18 5.52
CA LEU A 271 18.62 15.92 5.22
C LEU A 271 19.30 15.22 4.04
N ILE A 272 19.54 15.95 2.94
CA ILE A 272 20.21 15.37 1.76
C ILE A 272 21.56 14.75 2.13
N LYS A 273 22.37 15.47 2.93
CA LYS A 273 23.70 15.02 3.38
C LYS A 273 23.62 13.69 4.14
N GLN A 274 22.60 13.54 5.00
CA GLN A 274 22.39 12.31 5.77
C GLN A 274 21.94 11.12 4.92
N MET A 275 21.17 11.38 3.84
CA MET A 275 20.67 10.34 2.93
C MET A 275 21.78 9.97 1.94
N LEU A 276 22.64 10.94 1.59
CA LEU A 276 23.77 10.71 0.67
C LEU A 276 25.07 10.48 1.43
N GLN A 277 24.96 10.03 2.68
CA GLN A 277 26.08 9.66 3.55
C GLN A 277 26.69 8.40 2.91
N PHE A 278 27.96 8.49 2.50
CA PHE A 278 28.69 7.41 1.83
C PHE A 278 28.73 6.13 2.67
N ASP A 279 28.86 6.27 3.99
CA ASP A 279 28.88 5.14 4.90
C ASP A 279 27.45 4.71 5.25
N SER A 280 27.02 3.57 4.68
CA SER A 280 25.68 2.96 4.84
C SER A 280 25.24 2.84 6.30
N GLN A 281 26.19 2.54 7.22
CA GLN A 281 25.91 2.40 8.65
C GLN A 281 25.54 3.73 9.32
N ARG A 282 26.14 4.83 8.84
CA ARG A 282 25.93 6.18 9.37
C ARG A 282 24.82 6.91 8.63
N ARG A 283 24.42 6.39 7.45
CA ARG A 283 23.34 6.92 6.63
C ARG A 283 22.01 6.85 7.36
N ILE A 284 21.22 7.94 7.29
CA ILE A 284 19.90 8.02 7.92
C ILE A 284 18.97 6.91 7.40
N SER A 285 18.11 6.36 8.28
CA SER A 285 17.17 5.33 7.83
C SER A 285 15.95 6.05 7.25
N ALA A 286 15.12 5.34 6.48
CA ALA A 286 13.90 5.93 5.92
C ALA A 286 12.99 6.42 7.05
N GLN A 287 12.92 5.65 8.16
CA GLN A 287 12.12 5.97 9.34
C GLN A 287 12.60 7.23 10.04
N GLN A 288 13.93 7.36 10.23
CA GLN A 288 14.53 8.52 10.86
C GLN A 288 14.42 9.75 9.96
N ALA A 289 14.57 9.58 8.62
CA ALA A 289 14.44 10.70 7.67
C ALA A 289 13.02 11.29 7.68
N LEU A 290 11.99 10.44 7.88
CA LEU A 290 10.60 10.87 7.95
C LEU A 290 10.40 11.80 9.18
N GLU A 291 11.20 11.60 10.23
CA GLU A 291 11.14 12.36 11.47
C GLU A 291 12.05 13.60 11.49
N HIS A 292 12.89 13.78 10.46
CA HIS A 292 13.86 14.89 10.34
C HIS A 292 13.19 16.26 10.58
N PRO A 293 13.83 17.19 11.34
CA PRO A 293 13.22 18.50 11.62
C PRO A 293 12.72 19.31 10.41
N TRP A 294 13.40 19.20 9.26
CA TRP A 294 13.00 19.89 8.02
C TRP A 294 11.68 19.34 7.48
N ILE A 295 11.52 17.99 7.47
CA ILE A 295 10.28 17.32 7.07
C ILE A 295 9.14 17.84 7.96
N LYS A 296 9.34 17.82 9.29
CA LYS A 296 8.36 18.26 10.27
C LYS A 296 7.94 19.71 10.09
N GLU A 297 8.90 20.62 9.89
CA GLU A 297 8.66 22.05 9.70
C GLU A 297 7.87 22.33 8.41
N MET A 298 8.31 21.75 7.28
CA MET A 298 7.68 21.96 5.98
C MET A 298 6.28 21.38 5.87
N CYS A 299 6.08 20.15 6.39
CA CYS A 299 4.77 19.51 6.37
C CYS A 299 3.77 20.17 7.35
N SER A 300 4.28 20.85 8.42
CA SER A 300 3.44 21.60 9.37
C SER A 300 2.95 22.88 8.68
N LYS A 301 3.76 23.44 7.76
CA LYS A 301 3.40 24.65 6.99
C LYS A 301 2.26 24.31 6.02
N LYS A 302 2.31 23.11 5.40
CA LYS A 302 1.28 22.66 4.47
C LYS A 302 -0.06 22.40 5.17
N GLU A 303 -0.03 21.74 6.35
CA GLU A 303 -1.20 21.40 7.17
C GLU A 303 -1.89 22.60 7.83
N SER A 304 -1.13 23.68 8.08
CA SER A 304 -1.66 24.90 8.71
C SER A 304 -2.54 25.70 7.75
N LEU A 308 -8.65 19.21 7.92
CA LEU A 308 -8.40 18.53 9.20
C LEU A 308 -9.71 18.00 9.85
N PRO A 309 -10.38 16.97 9.25
CA PRO A 309 -11.65 16.49 9.82
C PRO A 309 -11.55 15.29 10.77
N SER A 310 -12.55 15.17 11.67
CA SER A 310 -12.67 14.09 12.64
C SER A 310 -13.81 13.14 12.28
N LEU A 311 -13.69 11.87 12.72
CA LEU A 311 -14.67 10.81 12.47
C LEU A 311 -15.81 10.85 13.47
N ALA A 312 -17.05 10.55 13.01
CA ALA A 312 -18.25 10.53 13.84
C ALA A 312 -18.76 9.11 14.06
N ASN A 313 -18.99 8.75 15.35
CA ASN A 313 -19.45 7.42 15.81
C ASN A 313 -18.55 6.26 15.33
N ALA A 314 -17.23 6.53 15.21
CA ALA A 314 -16.23 5.55 14.75
C ALA A 314 -16.02 4.41 15.74
N ILE A 315 -15.98 4.71 17.06
CA ILE A 315 -15.75 3.72 18.11
C ILE A 315 -16.88 2.68 18.21
N GLU A 316 -18.14 3.13 18.06
CA GLU A 316 -19.33 2.26 18.08
C GLU A 316 -19.35 1.34 16.86
N ASN A 317 -18.91 1.86 15.70
CA ASN A 317 -18.83 1.14 14.42
C ASN A 317 -17.72 0.08 14.49
N MET A 318 -16.58 0.41 15.13
CA MET A 318 -15.44 -0.49 15.30
C MET A 318 -15.77 -1.64 16.23
N ARG A 319 -16.55 -1.37 17.31
CA ARG A 319 -17.00 -2.35 18.30
C ARG A 319 -17.90 -3.45 17.69
N LYS A 320 -18.56 -3.14 16.55
CA LYS A 320 -19.43 -4.09 15.83
C LYS A 320 -18.63 -5.29 15.31
N PHE A 321 -17.32 -5.09 15.05
CA PHE A 321 -16.42 -6.13 14.54
C PHE A 321 -15.97 -7.14 15.62
N GLN A 322 -16.31 -6.88 16.87
CA GLN A 322 -15.87 -7.77 17.92
C GLN A 322 -16.60 -9.08 17.82
N ASN A 323 -15.90 -10.15 17.65
CA ASN A 323 -16.59 -11.40 17.63
C ASN A 323 -17.45 -11.60 16.42
N SER A 324 -17.10 -10.98 15.33
CA SER A 324 -17.88 -11.02 14.13
C SER A 324 -17.52 -12.23 13.28
N GLN A 325 -18.44 -12.62 12.39
CA GLN A 325 -18.26 -13.77 11.51
C GLN A 325 -17.10 -13.51 10.56
N LYS A 326 -16.23 -14.51 10.37
CA LYS A 326 -15.04 -14.40 9.51
C LYS A 326 -15.36 -14.19 8.04
N LEU A 327 -16.48 -14.75 7.54
CA LEU A 327 -16.88 -14.54 6.15
C LEU A 327 -17.30 -13.08 5.95
N ALA A 328 -17.93 -12.48 6.99
CA ALA A 328 -18.37 -11.09 6.99
C ALA A 328 -17.18 -10.15 7.08
N GLN A 329 -16.13 -10.53 7.84
CA GLN A 329 -14.90 -9.74 7.93
C GLN A 329 -14.21 -9.75 6.57
N ALA A 330 -14.07 -10.95 5.96
CA ALA A 330 -13.40 -11.14 4.66
C ALA A 330 -14.08 -10.36 3.56
N ALA A 331 -15.43 -10.34 3.55
CA ALA A 331 -16.25 -9.62 2.59
C ALA A 331 -16.02 -8.12 2.70
N LEU A 332 -16.20 -7.56 3.92
CA LEU A 332 -16.02 -6.12 4.17
C LEU A 332 -14.58 -5.66 3.92
N LEU A 333 -13.59 -6.50 4.26
CA LEU A 333 -12.18 -6.21 4.02
C LEU A 333 -11.92 -6.13 2.51
N TYR A 334 -12.53 -7.02 1.70
CA TYR A 334 -12.41 -7.01 0.24
C TYR A 334 -13.09 -5.77 -0.36
N MET A 335 -14.29 -5.44 0.16
CA MET A 335 -15.06 -4.29 -0.30
C MET A 335 -14.31 -2.98 -0.01
N ALA A 336 -13.75 -2.85 1.19
CA ALA A 336 -13.02 -1.64 1.59
C ALA A 336 -11.64 -1.50 0.97
N SER A 337 -10.88 -2.61 0.87
CA SER A 337 -9.51 -2.58 0.36
C SER A 337 -9.37 -2.67 -1.14
N LYS A 338 -10.30 -3.34 -1.84
CA LYS A 338 -10.17 -3.56 -3.28
C LYS A 338 -11.28 -2.97 -4.14
N LEU A 339 -12.43 -2.66 -3.52
CA LEU A 339 -13.62 -2.21 -4.26
C LEU A 339 -13.98 -0.72 -4.12
N THR A 340 -13.32 -0.02 -3.19
CA THR A 340 -13.59 1.40 -2.94
C THR A 340 -12.75 2.34 -3.81
N SER A 341 -13.37 3.47 -4.20
CA SER A 341 -12.71 4.50 -5.01
C SER A 341 -11.87 5.42 -4.14
N GLN A 342 -11.00 6.23 -4.77
CA GLN A 342 -10.15 7.21 -4.09
C GLN A 342 -11.04 8.25 -3.38
N GLU A 343 -12.13 8.68 -4.04
CA GLU A 343 -13.09 9.66 -3.52
C GLU A 343 -13.75 9.22 -2.21
N GLU A 344 -14.04 7.91 -2.09
CA GLU A 344 -14.69 7.31 -0.92
C GLU A 344 -13.76 7.16 0.27
N THR A 345 -12.46 6.92 0.02
CA THR A 345 -11.47 6.69 1.08
C THR A 345 -10.59 7.89 1.42
N LYS A 346 -10.70 8.99 0.65
CA LYS A 346 -9.90 10.22 0.79
C LYS A 346 -9.79 10.70 2.25
N GLU A 347 -10.93 10.97 2.91
CA GLU A 347 -10.97 11.43 4.30
C GLU A 347 -10.38 10.39 5.26
N LEU A 348 -10.68 9.09 5.05
CA LEU A 348 -10.17 8.01 5.89
C LEU A 348 -8.66 7.89 5.83
N THR A 349 -8.09 7.96 4.60
CA THR A 349 -6.65 7.91 4.36
C THR A 349 -5.93 9.09 5.02
N ASP A 350 -6.54 10.29 4.98
CA ASP A 350 -5.98 11.48 5.61
C ASP A 350 -5.99 11.33 7.14
N ILE A 351 -7.06 10.73 7.72
CA ILE A 351 -7.14 10.50 9.17
C ILE A 351 -6.09 9.44 9.57
N PHE A 352 -6.01 8.33 8.80
CA PHE A 352 -5.04 7.25 9.02
C PHE A 352 -3.62 7.82 9.05
N ARG A 353 -3.24 8.61 8.01
CA ARG A 353 -1.93 9.23 7.88
C ARG A 353 -1.59 10.12 9.08
N HIS A 354 -2.60 10.85 9.61
CA HIS A 354 -2.48 11.72 10.79
C HIS A 354 -2.15 10.92 12.06
N ILE A 355 -2.93 9.86 12.36
CA ILE A 355 -2.75 8.99 13.54
C ILE A 355 -1.41 8.23 13.44
N ASP A 356 -1.06 7.78 12.22
CA ASP A 356 0.18 7.06 11.94
C ASP A 356 1.38 8.01 12.02
N LYS A 357 1.69 8.50 13.23
CA LYS A 357 2.77 9.46 13.50
C LYS A 357 4.11 9.11 12.87
N ASN A 358 4.54 7.83 12.95
CA ASN A 358 5.80 7.41 12.35
C ASN A 358 5.72 7.00 10.87
N GLY A 359 4.52 7.12 10.29
CA GLY A 359 4.22 6.82 8.89
C GLY A 359 4.59 5.44 8.38
N ASP A 360 4.61 4.45 9.29
CA ASP A 360 4.94 3.06 8.92
C ASP A 360 3.77 2.23 8.35
N GLY A 361 2.61 2.84 8.20
CA GLY A 361 1.42 2.19 7.65
C GLY A 361 0.68 1.28 8.59
N GLN A 362 1.02 1.31 9.89
CA GLN A 362 0.37 0.50 10.92
C GLN A 362 0.06 1.40 12.11
N LEU A 363 -1.13 1.22 12.73
CA LEU A 363 -1.48 2.00 13.91
C LEU A 363 -1.25 1.13 15.14
N ASP A 364 -0.24 1.47 15.94
CA ASP A 364 0.07 0.73 17.17
C ASP A 364 -0.76 1.29 18.32
N ARG A 365 -0.77 0.59 19.46
CA ARG A 365 -1.48 0.95 20.68
C ARG A 365 -1.27 2.41 21.09
N GLN A 366 0.00 2.87 21.19
CA GLN A 366 0.33 4.25 21.57
C GLN A 366 -0.16 5.30 20.56
N GLU A 367 -0.09 4.98 19.25
CA GLU A 367 -0.59 5.88 18.19
C GLU A 367 -2.12 6.06 18.32
N LEU A 368 -2.86 4.95 18.58
CA LEU A 368 -4.32 4.95 18.78
C LEU A 368 -4.70 5.78 20.00
N ILE A 369 -3.91 5.68 21.09
CA ILE A 369 -4.09 6.42 22.35
C ILE A 369 -3.90 7.93 22.11
N ASP A 370 -2.77 8.33 21.51
CA ASP A 370 -2.42 9.72 21.22
C ASP A 370 -3.38 10.41 20.24
N GLY A 371 -3.77 9.69 19.19
CA GLY A 371 -4.69 10.22 18.17
C GLY A 371 -6.14 9.81 18.37
N TYR A 372 -6.54 9.57 19.64
CA TYR A 372 -7.90 9.15 20.00
C TYR A 372 -8.98 10.20 19.74
N SER A 373 -8.65 11.50 19.90
CA SER A 373 -9.57 12.62 19.68
C SER A 373 -10.10 12.68 18.23
N LYS A 374 -9.29 12.22 17.26
CA LYS A 374 -9.64 12.19 15.84
C LYS A 374 -10.54 11.00 15.50
N LEU A 375 -10.54 9.95 16.36
CA LEU A 375 -11.35 8.74 16.20
C LEU A 375 -12.72 8.94 16.84
N SER A 376 -12.75 9.21 18.16
CA SER A 376 -13.98 9.40 18.94
C SER A 376 -14.74 10.67 18.60
N GLY A 377 -14.02 11.74 18.26
CA GLY A 377 -14.58 13.04 17.96
C GLY A 377 -14.52 13.97 19.16
N GLU A 378 -14.71 13.38 20.38
CA GLU A 378 -14.67 14.08 21.66
C GLU A 378 -13.21 14.33 22.08
N GLU A 379 -12.98 15.37 22.91
CA GLU A 379 -11.63 15.70 23.39
C GLU A 379 -11.25 14.90 24.63
N VAL A 380 -9.98 14.47 24.68
CA VAL A 380 -9.42 13.65 25.75
C VAL A 380 -8.74 14.50 26.84
N ALA A 381 -9.07 14.22 28.12
CA ALA A 381 -8.50 14.87 29.30
C ALA A 381 -7.38 13.97 29.86
N VAL A 382 -6.52 14.52 30.75
CA VAL A 382 -5.40 13.79 31.36
C VAL A 382 -5.80 12.57 32.22
N PHE A 383 -7.00 12.62 32.84
CA PHE A 383 -7.49 11.53 33.68
C PHE A 383 -8.62 10.77 32.99
N PRO A 386 -6.54 5.66 31.10
CA PRO A 386 -7.28 4.71 31.93
C PRO A 386 -8.47 4.09 31.19
N GLN A 387 -9.51 4.90 30.93
CA GLN A 387 -10.72 4.49 30.20
C GLN A 387 -10.38 4.40 28.70
N ILE A 388 -9.56 5.35 28.22
CA ILE A 388 -9.12 5.44 26.83
C ILE A 388 -8.27 4.23 26.42
N GLU A 389 -7.42 3.72 27.34
CA GLU A 389 -6.55 2.54 27.15
C GLU A 389 -7.38 1.26 27.00
N SER A 390 -8.51 1.15 27.74
CA SER A 390 -9.42 0.01 27.68
C SER A 390 -10.15 -0.01 26.34
N GLU A 391 -10.59 1.18 25.87
CA GLU A 391 -11.30 1.35 24.59
C GLU A 391 -10.37 1.07 23.40
N VAL A 392 -9.08 1.41 23.53
CA VAL A 392 -8.06 1.18 22.51
C VAL A 392 -7.82 -0.33 22.36
N ASP A 393 -7.79 -1.06 23.49
CA ASP A 393 -7.62 -2.51 23.50
C ASP A 393 -8.87 -3.22 22.93
N ALA A 394 -10.05 -2.60 23.07
CA ALA A 394 -11.31 -3.11 22.51
C ALA A 394 -11.29 -2.96 20.98
N ILE A 395 -10.85 -1.77 20.50
CA ILE A 395 -10.72 -1.44 19.08
C ILE A 395 -9.67 -2.38 18.45
N LEU A 396 -8.54 -2.61 19.16
CA LEU A 396 -7.49 -3.51 18.69
C LEU A 396 -7.96 -4.95 18.58
N GLY A 397 -8.78 -5.39 19.54
CA GLY A 397 -9.36 -6.72 19.55
C GLY A 397 -10.33 -6.95 18.40
N ALA A 398 -11.09 -5.90 18.03
CA ALA A 398 -12.09 -5.97 16.96
C ALA A 398 -11.54 -5.76 15.56
N ALA A 399 -10.78 -4.65 15.34
CA ALA A 399 -10.22 -4.26 14.03
C ALA A 399 -8.98 -5.02 13.54
N ASP A 400 -8.18 -5.60 14.47
CA ASP A 400 -6.96 -6.32 14.09
C ASP A 400 -7.34 -7.72 13.59
N PHE A 401 -7.78 -7.81 12.33
CA PHE A 401 -8.23 -9.07 11.72
C PHE A 401 -7.15 -10.14 11.59
N ASP A 402 -5.88 -9.75 11.40
CA ASP A 402 -4.80 -10.73 11.26
C ASP A 402 -4.03 -11.02 12.53
N ARG A 403 -4.45 -10.40 13.66
CA ARG A 403 -3.83 -10.56 14.98
C ARG A 403 -2.31 -10.29 15.01
N ASN A 404 -1.85 -9.24 14.29
CA ASN A 404 -0.44 -8.88 14.28
C ASN A 404 -0.08 -7.83 15.34
N GLY A 405 -1.07 -7.37 16.09
CA GLY A 405 -0.90 -6.37 17.14
C GLY A 405 -1.15 -4.93 16.71
N TYR A 406 -1.37 -4.71 15.39
CA TYR A 406 -1.61 -3.37 14.83
C TYR A 406 -2.89 -3.31 14.01
N ILE A 407 -3.38 -2.09 13.80
CA ILE A 407 -4.50 -1.84 12.91
C ILE A 407 -3.81 -1.42 11.62
N ASP A 408 -3.80 -2.34 10.65
CA ASP A 408 -3.18 -2.10 9.36
C ASP A 408 -4.06 -1.18 8.52
N TYR A 409 -3.50 -0.63 7.45
CA TYR A 409 -4.20 0.31 6.58
C TYR A 409 -5.59 -0.15 6.12
N SER A 410 -5.68 -1.33 5.45
CA SER A 410 -6.95 -1.88 4.99
C SER A 410 -7.92 -2.23 6.13
N GLU A 411 -7.39 -2.61 7.30
CA GLU A 411 -8.19 -2.91 8.49
C GLU A 411 -8.88 -1.63 8.96
N PHE A 412 -8.14 -0.50 8.99
CA PHE A 412 -8.67 0.82 9.39
C PHE A 412 -9.79 1.29 8.46
N VAL A 413 -9.56 1.20 7.13
CA VAL A 413 -10.51 1.61 6.10
C VAL A 413 -11.82 0.79 6.24
N THR A 414 -11.70 -0.52 6.54
CA THR A 414 -12.84 -1.42 6.73
C THR A 414 -13.73 -1.03 7.92
N VAL A 415 -13.13 -0.81 9.10
CA VAL A 415 -13.82 -0.54 10.37
C VAL A 415 -14.27 0.91 10.58
N ALA A 416 -13.74 1.85 9.80
CA ALA A 416 -14.07 3.28 9.96
C ALA A 416 -14.96 3.84 8.86
N MET A 417 -15.02 3.19 7.70
CA MET A 417 -15.88 3.64 6.60
C MET A 417 -17.35 3.70 6.91
N ASP A 418 -18.03 4.73 6.41
CA ASP A 418 -19.46 4.92 6.60
C ASP A 418 -20.23 3.81 5.88
N ARG A 419 -21.31 3.34 6.47
CA ARG A 419 -22.11 2.25 5.95
C ARG A 419 -22.71 2.48 4.58
N LYS A 420 -23.23 3.68 4.37
CA LYS A 420 -23.88 4.06 3.10
C LYS A 420 -22.95 3.89 1.90
N SER A 421 -21.65 4.16 2.10
CA SER A 421 -20.65 4.02 1.05
C SER A 421 -20.15 2.58 0.95
N LEU A 422 -19.78 1.95 2.10
CA LEU A 422 -19.28 0.58 2.10
C LEU A 422 -20.33 -0.46 1.70
N LEU A 423 -21.59 -0.32 2.17
CA LEU A 423 -22.66 -1.29 1.88
C LEU A 423 -23.47 -1.06 0.60
N SER A 424 -22.87 -0.40 -0.41
CA SER A 424 -23.57 -0.18 -1.68
C SER A 424 -23.77 -1.54 -2.39
N LYS A 425 -24.90 -1.71 -3.08
CA LYS A 425 -25.28 -2.95 -3.76
C LYS A 425 -24.19 -3.51 -4.69
N ASP A 426 -23.53 -2.65 -5.48
CA ASP A 426 -22.46 -3.05 -6.40
C ASP A 426 -21.24 -3.65 -5.67
N LYS A 427 -20.94 -3.16 -4.45
CA LYS A 427 -19.82 -3.66 -3.64
C LYS A 427 -20.14 -5.06 -3.08
N LEU A 428 -21.39 -5.26 -2.62
CA LEU A 428 -21.87 -6.54 -2.09
C LEU A 428 -21.89 -7.58 -3.21
N GLU A 429 -22.34 -7.17 -4.42
CA GLU A 429 -22.39 -8.00 -5.64
C GLU A 429 -20.99 -8.49 -6.04
N SER A 430 -20.01 -7.56 -6.15
CA SER A 430 -18.63 -7.87 -6.52
C SER A 430 -17.92 -8.74 -5.48
N ALA A 431 -18.17 -8.50 -4.17
CA ALA A 431 -17.59 -9.30 -3.08
C ALA A 431 -18.14 -10.73 -3.13
N PHE A 432 -19.45 -10.88 -3.41
CA PHE A 432 -20.08 -12.20 -3.53
C PHE A 432 -19.50 -12.93 -4.75
N GLN A 433 -19.42 -12.24 -5.90
CA GLN A 433 -18.88 -12.77 -7.16
C GLN A 433 -17.45 -13.27 -7.04
N LYS A 434 -16.62 -12.59 -6.22
CA LYS A 434 -15.22 -12.96 -5.96
C LYS A 434 -15.14 -14.30 -5.21
N PHE A 435 -15.93 -14.45 -4.14
CA PHE A 435 -15.96 -15.66 -3.32
C PHE A 435 -16.63 -16.85 -4.01
N ASP A 436 -17.59 -16.59 -4.90
CA ASP A 436 -18.29 -17.60 -5.70
C ASP A 436 -17.44 -17.84 -6.96
N GLN A 437 -16.37 -18.64 -6.80
CA GLN A 437 -15.39 -18.95 -7.85
C GLN A 437 -15.98 -19.54 -9.14
N ASP A 438 -16.91 -20.51 -9.04
CA ASP A 438 -17.54 -21.11 -10.23
C ASP A 438 -18.68 -20.27 -10.84
N GLY A 439 -19.12 -19.24 -10.10
CA GLY A 439 -20.18 -18.32 -10.52
C GLY A 439 -21.56 -18.94 -10.70
N ASN A 440 -21.93 -19.88 -9.81
CA ASN A 440 -23.22 -20.57 -9.84
C ASN A 440 -24.31 -19.90 -8.98
N GLY A 441 -23.94 -18.79 -8.32
CA GLY A 441 -24.84 -18.02 -7.47
C GLY A 441 -24.86 -18.48 -6.02
N LYS A 442 -23.96 -19.40 -5.64
CA LYS A 442 -23.87 -19.94 -4.28
C LYS A 442 -22.42 -20.13 -3.83
N ILE A 443 -22.12 -19.78 -2.57
CA ILE A 443 -20.80 -20.00 -1.99
C ILE A 443 -20.87 -21.35 -1.26
N SER A 444 -20.13 -22.33 -1.77
CA SER A 444 -20.05 -23.68 -1.25
C SER A 444 -18.96 -23.83 -0.18
N VAL A 445 -18.91 -25.01 0.47
CA VAL A 445 -17.92 -25.37 1.49
C VAL A 445 -16.49 -25.31 0.92
N ASP A 446 -16.30 -25.77 -0.34
CA ASP A 446 -15.01 -25.75 -1.04
C ASP A 446 -14.57 -24.30 -1.29
N GLU A 447 -15.52 -23.43 -1.70
CA GLU A 447 -15.26 -22.01 -1.96
C GLU A 447 -14.99 -21.22 -0.69
N LEU A 448 -15.69 -21.53 0.43
CA LEU A 448 -15.51 -20.87 1.73
C LEU A 448 -14.08 -21.08 2.23
N ALA A 449 -13.56 -22.33 2.13
CA ALA A 449 -12.21 -22.68 2.53
C ALA A 449 -11.17 -22.00 1.61
N SER A 450 -11.58 -21.66 0.37
CA SER A 450 -10.76 -21.01 -0.64
C SER A 450 -10.74 -19.46 -0.55
N VAL A 451 -11.68 -18.84 0.20
CA VAL A 451 -11.71 -17.38 0.38
C VAL A 451 -10.54 -16.89 1.24
N PHE A 452 -10.06 -17.76 2.16
CA PHE A 452 -8.95 -17.49 3.07
C PHE A 452 -7.65 -18.06 2.52
N LEU A 454 -6.60 -22.48 2.87
CA LEU A 454 -7.14 -23.62 3.62
C LEU A 454 -7.91 -24.58 2.69
N ASP A 455 -7.61 -24.54 1.38
CA ASP A 455 -8.22 -25.32 0.30
C ASP A 455 -8.25 -26.84 0.48
N HIS A 456 -7.11 -27.45 0.83
CA HIS A 456 -6.97 -28.90 0.98
C HIS A 456 -7.76 -29.51 2.15
N LEU A 457 -7.79 -28.82 3.30
CA LEU A 457 -8.46 -29.30 4.53
C LEU A 457 -9.98 -29.38 4.45
N GLU A 458 -10.52 -30.53 4.89
CA GLU A 458 -11.95 -30.81 4.98
C GLU A 458 -12.29 -30.77 6.47
N SER A 459 -13.24 -29.90 6.86
CA SER A 459 -13.63 -29.76 8.27
C SER A 459 -15.10 -29.42 8.42
N LYS A 460 -15.72 -29.88 9.53
CA LYS A 460 -17.12 -29.58 9.87
C LYS A 460 -17.25 -28.07 10.17
N THR A 461 -16.11 -27.39 10.40
CA THR A 461 -16.03 -25.96 10.65
C THR A 461 -16.61 -25.15 9.48
N TRP A 462 -16.23 -25.49 8.22
CA TRP A 462 -16.75 -24.79 7.03
C TRP A 462 -18.25 -24.97 6.88
N LYS A 463 -18.73 -26.21 7.11
CA LYS A 463 -20.14 -26.59 7.07
C LYS A 463 -20.91 -25.80 8.14
N GLU A 464 -20.32 -25.67 9.34
CA GLU A 464 -20.94 -24.97 10.47
C GLU A 464 -20.92 -23.46 10.34
N MET A 465 -19.91 -22.91 9.64
CA MET A 465 -19.84 -21.48 9.37
C MET A 465 -21.01 -21.12 8.46
N ILE A 466 -21.30 -21.98 7.47
CA ILE A 466 -22.41 -21.83 6.53
C ILE A 466 -23.76 -22.05 7.24
N SER A 467 -23.91 -23.14 8.03
CA SER A 467 -25.19 -23.44 8.71
C SER A 467 -25.71 -22.31 9.60
N GLY A 468 -24.79 -21.54 10.16
CA GLY A 468 -25.10 -20.39 11.01
C GLY A 468 -25.76 -19.24 10.27
N ILE A 469 -25.55 -19.16 8.94
CA ILE A 469 -26.12 -18.09 8.10
C ILE A 469 -27.03 -18.65 6.99
N ASP A 470 -27.20 -19.98 6.94
CA ASP A 470 -28.01 -20.68 5.95
C ASP A 470 -29.50 -20.60 6.32
N SER A 471 -30.31 -19.92 5.49
CA SER A 471 -31.75 -19.79 5.75
C SER A 471 -32.63 -20.74 4.95
N ASN A 472 -32.08 -21.41 3.93
CA ASN A 472 -32.86 -22.37 3.14
C ASN A 472 -32.36 -23.81 3.23
N ASN A 473 -31.45 -24.09 4.21
CA ASN A 473 -30.91 -25.42 4.51
C ASN A 473 -30.38 -26.21 3.30
N ASP A 474 -29.68 -25.53 2.37
CA ASP A 474 -29.10 -26.17 1.19
C ASP A 474 -27.58 -26.39 1.29
N GLY A 475 -26.99 -25.96 2.40
CA GLY A 475 -25.56 -26.09 2.69
C GLY A 475 -24.66 -25.15 1.92
N ASP A 476 -25.25 -24.10 1.30
CA ASP A 476 -24.54 -23.09 0.52
C ASP A 476 -24.97 -21.69 0.95
N VAL A 477 -24.19 -20.67 0.58
CA VAL A 477 -24.49 -19.28 0.89
C VAL A 477 -24.90 -18.57 -0.40
N ASP A 478 -26.17 -18.12 -0.49
CA ASP A 478 -26.62 -17.36 -1.66
C ASP A 478 -26.43 -15.87 -1.38
N PHE A 479 -26.66 -15.01 -2.38
CA PHE A 479 -26.47 -13.56 -2.25
C PHE A 479 -27.29 -12.94 -1.11
N GLU A 480 -28.53 -13.37 -0.94
CA GLU A 480 -29.46 -12.90 0.09
C GLU A 480 -28.91 -13.19 1.51
N GLU A 481 -28.40 -14.42 1.71
CA GLU A 481 -27.83 -14.87 2.99
C GLU A 481 -26.54 -14.11 3.29
N PHE A 482 -25.71 -13.91 2.26
CA PHE A 482 -24.45 -13.17 2.31
C PHE A 482 -24.71 -11.72 2.76
N CYS A 483 -25.69 -11.04 2.13
CA CYS A 483 -26.09 -9.66 2.46
C CYS A 483 -26.66 -9.53 3.87
N LYS A 484 -27.54 -10.46 4.28
CA LYS A 484 -28.14 -10.47 5.62
C LYS A 484 -27.10 -10.61 6.74
N MET A 485 -26.07 -11.46 6.51
CA MET A 485 -24.97 -11.66 7.46
C MET A 485 -24.18 -10.36 7.68
N ILE A 486 -23.89 -9.65 6.57
CA ILE A 486 -23.14 -8.38 6.58
C ILE A 486 -24.01 -7.28 7.21
N GLN A 487 -25.33 -7.27 6.90
CA GLN A 487 -26.28 -6.32 7.45
C GLN A 487 -26.41 -6.48 8.97
N LYS A 488 -26.41 -7.75 9.46
CA LYS A 488 -26.46 -8.06 10.90
C LYS A 488 -25.20 -7.51 11.61
N LEU A 489 -24.04 -7.61 10.96
CA LEU A 489 -22.77 -7.09 11.47
C LEU A 489 -22.80 -5.56 11.66
N CYS A 490 -22.99 -4.79 10.56
CA CYS A 490 -23.00 -3.32 10.56
C CYS A 490 -24.36 -2.69 11.03
N SER A 491 -25.30 -3.49 11.60
CA SER A 491 -26.62 -3.02 12.09
C SER A 491 -26.53 -2.29 13.44
N ASN A 492 -27.52 -1.42 13.76
CA ASN A 492 -27.52 -0.67 15.03
C ASN A 492 -27.77 -1.54 16.27
N ASN A 493 -27.23 -1.11 17.43
CA ASN A 493 -27.37 -1.80 18.70
C ASN A 493 -28.66 -1.38 19.40
CA CA B . 2.64 3.66 12.99
CA CA C . -3.58 -6.09 12.01
CA CA D . -20.15 -21.37 -6.13
CA CA E . -28.47 -21.36 1.58
MG MG F . 10.02 1.60 -14.32
PG ANP G . 9.41 3.83 -16.91
O1G ANP G . 8.61 3.23 -15.66
O2G ANP G . 10.87 3.57 -16.85
O3G ANP G . 9.06 5.40 -16.94
PB ANP G . 8.88 1.60 -18.40
O1B ANP G . 8.34 1.11 -19.69
O2B ANP G . 10.44 1.27 -18.24
N3B ANP G . 8.71 3.22 -18.26
PA ANP G . 6.84 0.01 -17.28
O1A ANP G . 6.89 -0.84 -18.48
O2A ANP G . 6.73 -0.84 -15.91
O3A ANP G . 8.15 0.95 -17.11
O5' ANP G . 5.58 1.01 -17.27
C5' ANP G . 5.03 1.46 -18.51
C4' ANP G . 3.89 2.46 -18.29
O4' ANP G . 2.90 1.87 -17.40
C3' ANP G . 4.46 3.68 -17.57
O3' ANP G . 3.95 4.87 -18.19
C2' ANP G . 3.90 3.53 -16.16
O2' ANP G . 3.75 4.81 -15.53
C1' ANP G . 2.54 2.90 -16.47
N9 ANP G . 1.96 2.25 -15.27
C8 ANP G . 2.48 1.23 -14.59
N7 ANP G . 1.68 0.93 -13.57
C5 ANP G . 0.65 1.77 -13.59
C6 ANP G . -0.48 1.94 -12.78
N6 ANP G . -0.70 1.16 -11.74
N1 ANP G . -1.35 2.93 -13.09
C2 ANP G . -1.15 3.71 -14.15
N3 ANP G . -0.08 3.58 -14.92
C4 ANP G . 0.83 2.62 -14.68
#